data_6LJK
#
_entry.id   6LJK
#
_cell.length_a   33.997
_cell.length_b   72.754
_cell.length_c   55.876
_cell.angle_alpha   90.000
_cell.angle_beta   97.060
_cell.angle_gamma   90.000
#
_symmetry.space_group_name_H-M   'P 1 21 1'
#
loop_
_entity.id
_entity.type
_entity.pdbx_description
1 polymer 'NAD-dependent protein deacylase sirtuin-5, mitochondrial'
2 polymer BE2-SER-ALA-ILE-LYS-SER-NIY-GLY-SET
3 non-polymer 'ZINC ION'
4 non-polymer 'SODIUM ION'
5 non-polymer 'GLUTARIC ACID'
6 water water
#
loop_
_entity_poly.entity_id
_entity_poly.type
_entity_poly.pdbx_seq_one_letter_code
_entity_poly.pdbx_strand_id
1 'polypeptide(L)'
;QASARPSSSMADFRKFFAKAKHIVIISGAGVSAESGVPTFRGAGGYWRKWQAQDLATPLAFAHNPSRVWEFYHYRREVMG
SKEPNAGHRAIAECETRLGKQGRRVVVITQNIDELHRKAGTKNLLEIHGSLFKTRCTSCGVVAENYKSPICPALSGKGAP
EPGTQDASIPVEKLPRCEEAGCGGLLRPHVVWFGENLDPAILEEVDRELAHCDLCLVVGTSSVVYPAAMFAPQVAARGVP
VAEFNTETTPATNRFRFHFQGPCGTTLPEALA
;
A
2 'polypeptide(L)' (BE2)SAIKS(NIY)G(SET) B
#
# COMPACT_ATOMS: atom_id res chain seq x y z
N ALA A 4 -13.35 24.21 -4.81
CA ALA A 4 -13.24 24.33 -3.35
C ALA A 4 -11.78 24.15 -2.94
N ARG A 5 -10.97 25.01 -2.98
CA ARG A 5 -9.52 24.95 -2.95
C ARG A 5 -9.00 24.79 -1.53
N PRO A 6 -8.32 23.89 -1.29
CA PRO A 6 -7.83 23.71 0.08
C PRO A 6 -6.78 24.73 0.46
N SER A 7 -6.59 24.86 1.76
CA SER A 7 -5.55 25.73 2.29
C SER A 7 -4.18 25.11 2.12
N SER A 8 -3.18 25.96 1.86
CA SER A 8 -1.79 25.54 1.82
C SER A 8 -0.99 26.07 3.01
N SER A 9 -1.68 26.46 4.10
CA SER A 9 -1.03 27.06 5.26
C SER A 9 -0.61 26.00 6.28
N MET A 10 0.71 25.75 6.37
CA MET A 10 1.22 24.82 7.36
C MET A 10 0.98 25.34 8.78
N ALA A 11 1.12 26.65 8.99
CA ALA A 11 0.89 27.22 10.31
C ALA A 11 -0.54 26.93 10.78
N ASP A 12 -1.52 27.08 9.89
CA ASP A 12 -2.89 26.75 10.25
C ASP A 12 -3.02 25.25 10.52
N PHE A 13 -2.46 24.41 9.65
CA PHE A 13 -2.53 22.97 9.89
C PHE A 13 -1.96 22.60 11.26
N ARG A 14 -0.85 23.23 11.65
CA ARG A 14 -0.19 22.87 12.89
C ARG A 14 -1.09 23.15 14.09
N LYS A 15 -2.00 24.12 13.98
CA LYS A 15 -2.93 24.36 15.08
C LYS A 15 -3.94 23.23 15.22
N PHE A 16 -4.38 22.65 14.09
CA PHE A 16 -5.21 21.46 14.15
C PHE A 16 -4.43 20.27 14.70
N PHE A 17 -3.21 20.10 14.22
CA PHE A 17 -2.40 18.98 14.69
C PHE A 17 -2.19 19.02 16.20
N ALA A 18 -1.95 20.22 16.75
CA ALA A 18 -1.66 20.34 18.18
C ALA A 18 -2.81 19.83 19.04
N LYS A 19 -4.04 19.92 18.54
CA LYS A 19 -5.21 19.54 19.31
C LYS A 19 -5.68 18.12 19.04
N ALA A 20 -5.15 17.45 18.01
CA ALA A 20 -5.71 16.19 17.59
C ALA A 20 -5.31 15.06 18.52
N LYS A 21 -6.29 14.26 18.91
CA LYS A 21 -6.07 13.11 19.79
C LYS A 21 -6.24 11.77 19.08
N HIS A 22 -6.76 11.77 17.86
CA HIS A 22 -6.97 10.52 17.15
C HIS A 22 -6.73 10.78 15.67
N ILE A 23 -5.47 10.66 15.29
CA ILE A 23 -5.03 10.94 13.93
C ILE A 23 -5.03 9.64 13.11
N VAL A 24 -5.61 9.69 11.93
CA VAL A 24 -5.55 8.61 10.96
C VAL A 24 -4.73 9.07 9.78
N ILE A 25 -3.70 8.30 9.44
CA ILE A 25 -2.83 8.58 8.30
C ILE A 25 -3.05 7.49 7.26
N ILE A 26 -3.53 7.88 6.08
CA ILE A 26 -3.75 6.96 4.97
C ILE A 26 -2.62 7.19 3.98
N SER A 27 -1.93 6.12 3.59
CA SER A 27 -0.80 6.26 2.68
C SER A 27 -0.96 5.40 1.44
N GLY A 28 -0.40 5.89 0.34
CA GLY A 28 -0.42 5.19 -0.92
C GLY A 28 0.94 5.13 -1.61
N ALA A 29 0.87 4.82 -2.91
CA ALA A 29 2.05 4.40 -3.65
C ALA A 29 3.13 5.47 -3.70
N GLY A 30 2.76 6.75 -3.60
CA GLY A 30 3.76 7.81 -3.65
C GLY A 30 4.75 7.74 -2.52
N VAL A 31 4.32 7.26 -1.35
CA VAL A 31 5.24 7.15 -0.22
C VAL A 31 6.28 6.07 -0.50
N SER A 32 5.86 4.97 -1.13
CA SER A 32 6.83 3.96 -1.53
C SER A 32 7.73 4.46 -2.65
N ALA A 33 7.16 5.21 -3.61
CA ALA A 33 7.96 5.73 -4.71
C ALA A 33 9.09 6.62 -4.21
N GLU A 34 8.88 7.34 -3.11
CA GLU A 34 9.95 8.18 -2.55
C GLU A 34 11.07 7.39 -1.92
N SER A 35 10.89 6.08 -1.70
CA SER A 35 11.98 5.18 -1.35
C SER A 35 12.60 4.51 -2.56
N GLY A 36 12.23 4.92 -3.77
CA GLY A 36 12.77 4.30 -4.97
C GLY A 36 12.05 3.04 -5.38
N VAL A 37 10.92 2.73 -4.78
CA VAL A 37 10.19 1.52 -5.14
C VAL A 37 9.50 1.76 -6.48
N PRO A 38 9.66 0.89 -7.46
CA PRO A 38 8.88 1.01 -8.71
C PRO A 38 7.46 0.57 -8.43
N THR A 39 6.51 1.46 -8.70
CA THR A 39 5.10 1.17 -8.43
C THR A 39 4.34 0.66 -9.64
N PHE A 40 4.85 0.93 -10.85
CA PHE A 40 4.19 0.47 -12.05
C PHE A 40 2.76 1.03 -12.15
N ARG A 41 2.61 2.28 -11.70
CA ARG A 41 1.39 3.06 -11.82
C ARG A 41 1.75 4.45 -12.30
N GLY A 42 0.76 5.18 -12.77
CA GLY A 42 0.96 6.54 -13.23
C GLY A 42 1.48 6.61 -14.65
N ALA A 43 1.77 7.83 -15.08
CA ALA A 43 2.08 8.07 -16.49
C ALA A 43 3.35 7.39 -16.93
N GLY A 44 4.28 7.14 -16.02
CA GLY A 44 5.57 6.57 -16.38
C GLY A 44 5.88 5.23 -15.75
N GLY A 45 4.87 4.52 -15.24
CA GLY A 45 5.08 3.28 -14.52
C GLY A 45 4.62 2.04 -15.26
N TYR A 46 5.57 1.29 -15.84
CA TYR A 46 5.25 0.11 -16.64
C TYR A 46 6.29 -0.97 -16.41
N TRP A 47 5.81 -2.18 -16.22
CA TRP A 47 6.65 -3.38 -16.17
C TRP A 47 6.41 -4.11 -17.48
N ARG A 48 7.46 -4.23 -18.29
CA ARG A 48 7.28 -4.70 -19.66
C ARG A 48 6.29 -3.77 -20.34
N LYS A 49 5.11 -4.25 -20.73
CA LYS A 49 4.11 -3.39 -21.35
C LYS A 49 2.86 -3.21 -20.49
N TRP A 50 2.94 -3.52 -19.20
CA TRP A 50 1.77 -3.51 -18.33
C TRP A 50 1.94 -2.59 -17.13
N GLN A 51 0.81 -2.18 -16.57
CA GLN A 51 0.77 -1.50 -15.28
C GLN A 51 0.26 -2.46 -14.21
N ALA A 52 0.44 -2.04 -12.96
CA ALA A 52 0.05 -2.91 -11.84
C ALA A 52 -1.40 -3.36 -11.96
N GLN A 53 -2.29 -2.47 -12.36
CA GLN A 53 -3.71 -2.83 -12.39
C GLN A 53 -4.05 -3.78 -13.54
N ASP A 54 -3.12 -4.02 -14.49
CA ASP A 54 -3.31 -5.03 -15.51
C ASP A 54 -2.93 -6.43 -15.03
N LEU A 55 -1.97 -6.54 -14.11
CA LEU A 55 -1.44 -7.83 -13.69
C LEU A 55 -1.95 -8.28 -12.34
N ALA A 56 -2.32 -7.33 -11.50
CA ALA A 56 -2.83 -7.62 -10.16
C ALA A 56 -4.33 -7.87 -10.21
N THR A 57 -4.70 -8.94 -10.91
CA THR A 57 -6.08 -9.31 -11.08
C THR A 57 -6.20 -10.83 -11.06
N PRO A 58 -7.32 -11.35 -10.60
CA PRO A 58 -7.52 -12.82 -10.66
C PRO A 58 -7.48 -13.38 -12.08
N LEU A 59 -7.99 -12.64 -13.05
CA LEU A 59 -7.99 -13.13 -14.43
C LEU A 59 -6.56 -13.22 -14.97
N ALA A 60 -5.72 -12.24 -14.68
CA ALA A 60 -4.34 -12.31 -15.13
C ALA A 60 -3.65 -13.52 -14.54
N PHE A 61 -3.89 -13.76 -13.24
CA PHE A 61 -3.23 -14.88 -12.57
C PHE A 61 -3.76 -16.22 -13.08
N ALA A 62 -5.05 -16.28 -13.41
CA ALA A 62 -5.61 -17.51 -13.97
C ALA A 62 -5.01 -17.82 -15.34
N HIS A 63 -4.84 -16.79 -16.18
CA HIS A 63 -4.39 -17.00 -17.55
C HIS A 63 -2.89 -17.15 -17.66
N ASN A 64 -2.12 -16.52 -16.79
N ASN A 64 -2.13 -16.47 -16.80
CA ASN A 64 -0.68 -16.54 -16.91
CA ASN A 64 -0.67 -16.43 -16.89
C ASN A 64 -0.05 -16.40 -15.53
C ASN A 64 -0.09 -16.35 -15.48
N PRO A 65 -0.19 -17.43 -14.70
CA PRO A 65 0.38 -17.37 -13.36
C PRO A 65 1.88 -17.16 -13.37
N SER A 66 2.59 -17.68 -14.37
CA SER A 66 4.03 -17.45 -14.44
C SER A 66 4.35 -15.98 -14.62
N ARG A 67 3.64 -15.29 -15.51
CA ARG A 67 3.90 -13.88 -15.72
C ARG A 67 3.58 -13.07 -14.47
N VAL A 68 2.46 -13.35 -13.81
CA VAL A 68 2.14 -12.64 -12.58
C VAL A 68 3.20 -12.91 -11.51
N TRP A 69 3.64 -14.17 -11.38
CA TRP A 69 4.70 -14.45 -10.42
C TRP A 69 6.03 -13.78 -10.80
N GLU A 70 6.36 -13.69 -12.10
CA GLU A 70 7.56 -12.95 -12.48
C GLU A 70 7.49 -11.50 -12.00
N PHE A 71 6.34 -10.86 -12.18
CA PHE A 71 6.12 -9.49 -11.77
C PHE A 71 6.28 -9.33 -10.26
N TYR A 72 5.62 -10.18 -9.48
CA TYR A 72 5.78 -10.09 -8.02
C TYR A 72 7.18 -10.47 -7.57
N HIS A 73 7.81 -11.45 -8.22
CA HIS A 73 9.19 -11.80 -7.89
C HIS A 73 10.11 -10.61 -8.09
N TYR A 74 9.99 -9.93 -9.23
CA TYR A 74 10.82 -8.75 -9.46
C TYR A 74 10.65 -7.74 -8.34
N ARG A 75 9.41 -7.51 -7.95
CA ARG A 75 9.12 -6.50 -6.93
C ARG A 75 9.65 -6.92 -5.57
N ARG A 76 9.50 -8.21 -5.23
CA ARG A 76 10.09 -8.72 -3.99
C ARG A 76 11.59 -8.49 -3.97
N GLU A 77 12.27 -8.81 -5.06
CA GLU A 77 13.71 -8.74 -5.06
C GLU A 77 14.21 -7.30 -5.00
N VAL A 78 13.55 -6.40 -5.73
CA VAL A 78 13.93 -4.99 -5.68
C VAL A 78 13.74 -4.43 -4.28
N MET A 79 12.67 -4.84 -3.61
CA MET A 79 12.40 -4.33 -2.27
C MET A 79 13.54 -4.61 -1.32
N GLY A 80 14.31 -5.67 -1.58
CA GLY A 80 15.43 -6.00 -0.70
C GLY A 80 16.39 -4.85 -0.52
N SER A 81 16.49 -3.97 -1.53
CA SER A 81 17.43 -2.85 -1.54
C SER A 81 16.77 -1.51 -1.21
N LYS A 82 15.51 -1.51 -0.79
CA LYS A 82 14.77 -0.28 -0.51
C LYS A 82 14.56 -0.12 0.98
N GLU A 83 14.59 1.12 1.44
CA GLU A 83 14.51 1.46 2.85
C GLU A 83 13.42 2.48 3.09
N PRO A 84 12.89 2.55 4.30
CA PRO A 84 11.96 3.63 4.64
C PRO A 84 12.60 4.98 4.43
N ASN A 85 11.79 5.94 4.03
CA ASN A 85 12.23 7.30 3.79
C ASN A 85 11.83 8.20 4.96
N ALA A 86 12.19 9.47 4.85
CA ALA A 86 11.96 10.41 5.93
C ALA A 86 10.47 10.56 6.25
N GLY A 87 9.61 10.34 5.26
CA GLY A 87 8.17 10.34 5.51
C GLY A 87 7.74 9.18 6.40
N HIS A 88 8.17 7.96 6.05
CA HIS A 88 7.89 6.82 6.92
C HIS A 88 8.39 7.07 8.32
N ARG A 89 9.60 7.60 8.43
CA ARG A 89 10.21 7.78 9.74
C ARG A 89 9.48 8.84 10.55
N ALA A 90 9.09 9.95 9.92
CA ALA A 90 8.35 10.97 10.64
C ALA A 90 7.03 10.41 11.16
N ILE A 91 6.37 9.58 10.36
CA ILE A 91 5.10 8.97 10.77
C ILE A 91 5.31 8.05 11.98
N ALA A 92 6.36 7.23 11.96
CA ALA A 92 6.63 6.33 13.07
C ALA A 92 6.99 7.11 14.33
N GLU A 93 7.85 8.13 14.19
CA GLU A 93 8.27 8.91 15.34
C GLU A 93 7.08 9.66 15.93
N CYS A 94 6.20 10.17 15.09
CA CYS A 94 5.01 10.85 15.58
C CYS A 94 4.12 9.91 16.39
N GLU A 95 3.87 8.71 15.87
CA GLU A 95 3.07 7.73 16.60
C GLU A 95 3.64 7.50 18.00
N THR A 96 4.96 7.29 18.08
CA THR A 96 5.59 6.99 19.36
C THR A 96 5.46 8.16 20.31
N ARG A 97 5.74 9.38 19.82
CA ARG A 97 5.73 10.56 20.67
C ARG A 97 4.33 10.84 21.20
N LEU A 98 3.34 10.79 20.30
CA LEU A 98 1.96 11.07 20.71
C LEU A 98 1.43 9.97 21.62
N GLY A 99 1.83 8.73 21.39
CA GLY A 99 1.37 7.64 22.25
C GLY A 99 1.74 7.85 23.69
N LYS A 100 2.93 8.41 23.93
CA LYS A 100 3.37 8.70 25.29
C LYS A 100 2.57 9.84 25.92
N GLN A 101 1.86 10.61 25.10
CA GLN A 101 0.96 11.68 25.55
C GLN A 101 -0.48 11.21 25.64
N GLY A 102 -0.75 9.93 25.39
CA GLY A 102 -2.11 9.44 25.38
C GLY A 102 -2.89 9.77 24.13
N ARG A 103 -2.21 10.10 23.04
CA ARG A 103 -2.82 10.46 21.78
C ARG A 103 -2.51 9.38 20.74
N ARG A 104 -3.51 9.03 19.95
CA ARG A 104 -3.44 7.91 19.02
C ARG A 104 -3.13 8.37 17.60
N VAL A 105 -2.17 7.71 16.97
CA VAL A 105 -1.91 7.77 15.54
C VAL A 105 -2.04 6.35 14.99
N VAL A 106 -2.82 6.20 13.91
CA VAL A 106 -2.94 4.91 13.22
C VAL A 106 -2.65 5.13 11.75
N VAL A 107 -1.91 4.20 11.15
CA VAL A 107 -1.58 4.23 9.74
C VAL A 107 -2.40 3.17 9.03
N ILE A 108 -3.15 3.61 8.03
CA ILE A 108 -3.91 2.74 7.15
C ILE A 108 -3.20 2.83 5.81
N THR A 109 -2.44 1.78 5.45
CA THR A 109 -1.68 1.82 4.22
C THR A 109 -2.29 0.97 3.12
N GLN A 110 -2.35 1.54 1.93
CA GLN A 110 -2.67 0.81 0.73
C GLN A 110 -1.49 0.01 0.21
N ASN A 111 -0.29 0.26 0.73
CA ASN A 111 0.93 -0.31 0.18
C ASN A 111 1.17 -1.71 0.70
N ILE A 112 1.86 -2.49 -0.12
CA ILE A 112 2.14 -3.90 0.12
C ILE A 112 3.63 -4.16 0.37
N ASP A 113 4.41 -3.10 0.64
CA ASP A 113 5.85 -3.13 0.62
C ASP A 113 6.48 -3.33 1.99
N GLU A 114 5.69 -3.28 3.06
CA GLU A 114 6.16 -3.40 4.43
C GLU A 114 7.13 -2.31 4.88
N LEU A 115 7.17 -1.17 4.19
CA LEU A 115 8.08 -0.10 4.58
C LEU A 115 7.63 0.63 5.84
N HIS A 116 6.32 0.84 6.03
CA HIS A 116 5.87 1.37 7.31
C HIS A 116 6.23 0.43 8.44
N ARG A 117 6.06 -0.87 8.22
CA ARG A 117 6.42 -1.86 9.22
C ARG A 117 7.91 -1.79 9.52
N LYS A 118 8.74 -1.72 8.47
CA LYS A 118 10.19 -1.64 8.64
C LYS A 118 10.61 -0.37 9.39
N ALA A 119 9.84 0.71 9.25
CA ALA A 119 10.11 1.96 9.95
C ALA A 119 9.70 1.93 11.41
N GLY A 120 8.99 0.88 11.85
CA GLY A 120 8.62 0.74 13.24
C GLY A 120 7.22 1.19 13.60
N THR A 121 6.37 1.49 12.62
CA THR A 121 4.97 1.82 12.90
C THR A 121 4.31 0.63 13.59
N LYS A 122 3.60 0.88 14.69
CA LYS A 122 2.94 -0.19 15.43
C LYS A 122 1.45 -0.31 15.11
N ASN A 123 0.74 0.81 15.10
CA ASN A 123 -0.69 0.83 14.81
C ASN A 123 -0.82 0.89 13.31
N LEU A 124 -0.84 -0.28 12.69
CA LEU A 124 -0.69 -0.38 11.24
C LEU A 124 -1.74 -1.31 10.67
N LEU A 125 -2.51 -0.84 9.70
CA LEU A 125 -3.45 -1.65 8.95
C LEU A 125 -2.94 -1.70 7.51
N GLU A 126 -2.52 -2.88 7.07
CA GLU A 126 -2.07 -3.13 5.70
C GLU A 126 -3.26 -3.68 4.93
N ILE A 127 -4.02 -2.79 4.31
CA ILE A 127 -5.36 -3.15 3.86
C ILE A 127 -5.38 -4.00 2.60
N HIS A 128 -4.25 -4.13 1.91
CA HIS A 128 -4.16 -4.90 0.67
C HIS A 128 -3.18 -6.05 0.77
N GLY A 129 -2.73 -6.41 1.96
CA GLY A 129 -1.83 -7.53 2.10
C GLY A 129 -0.38 -7.14 1.96
N SER A 130 0.46 -8.09 1.52
CA SER A 130 1.90 -7.90 1.52
C SER A 130 2.56 -8.71 0.41
N LEU A 131 3.54 -8.08 -0.25
CA LEU A 131 4.49 -8.72 -1.17
C LEU A 131 5.21 -9.89 -0.53
N PHE A 132 5.34 -9.86 0.79
CA PHE A 132 6.14 -10.82 1.54
C PHE A 132 5.27 -11.80 2.31
N LYS A 133 4.07 -12.05 1.80
N LYS A 133 4.08 -12.04 1.81
CA LYS A 133 3.22 -13.12 2.30
CA LYS A 133 3.23 -13.12 2.29
C LYS A 133 2.67 -13.89 1.11
C LYS A 133 2.70 -13.89 1.10
N THR A 134 2.51 -15.19 1.31
CA THR A 134 1.88 -16.07 0.33
C THR A 134 0.56 -16.58 0.89
N ARG A 135 -0.35 -16.93 -0.01
CA ARG A 135 -1.56 -17.66 0.34
C ARG A 135 -1.66 -18.86 -0.58
N CYS A 136 -1.99 -20.02 -0.01
CA CYS A 136 -2.16 -21.21 -0.83
C CYS A 136 -3.55 -21.22 -1.44
N THR A 137 -3.61 -21.38 -2.76
CA THR A 137 -4.90 -21.40 -3.44
C THR A 137 -5.67 -22.69 -3.20
N SER A 138 -5.06 -23.72 -2.61
N SER A 138 -5.06 -23.72 -2.61
CA SER A 138 -5.73 -24.97 -2.29
CA SER A 138 -5.73 -24.97 -2.29
C SER A 138 -6.17 -25.05 -0.83
C SER A 138 -6.17 -25.07 -0.84
N CYS A 139 -5.28 -24.80 0.12
CA CYS A 139 -5.62 -24.95 1.54
C CYS A 139 -5.85 -23.63 2.25
N GLY A 140 -5.54 -22.50 1.62
CA GLY A 140 -5.81 -21.20 2.20
C GLY A 140 -4.80 -20.69 3.20
N VAL A 141 -3.76 -21.45 3.53
CA VAL A 141 -2.83 -21.00 4.55
C VAL A 141 -2.08 -19.76 4.07
N VAL A 142 -1.91 -18.81 4.99
CA VAL A 142 -1.15 -17.59 4.76
C VAL A 142 0.16 -17.72 5.51
N ALA A 143 1.27 -17.38 4.86
CA ALA A 143 2.57 -17.47 5.47
C ALA A 143 3.45 -16.29 5.07
N GLU A 144 4.30 -15.88 5.98
CA GLU A 144 5.36 -14.94 5.66
C GLU A 144 6.39 -15.62 4.77
N ASN A 145 6.90 -14.89 3.80
CA ASN A 145 7.88 -15.45 2.89
C ASN A 145 8.78 -14.33 2.41
N TYR A 146 10.04 -14.37 2.83
CA TYR A 146 11.05 -13.40 2.42
C TYR A 146 12.14 -14.04 1.57
N LYS A 147 11.95 -15.29 1.16
N LYS A 147 11.94 -15.29 1.15
CA LYS A 147 13.01 -16.04 0.51
CA LYS A 147 13.00 -16.04 0.50
C LYS A 147 13.40 -15.42 -0.82
C LYS A 147 13.40 -15.40 -0.82
N SER A 148 14.70 -15.32 -1.05
CA SER A 148 15.26 -14.78 -2.28
C SER A 148 16.09 -15.85 -2.98
N PRO A 149 15.62 -16.39 -4.11
CA PRO A 149 14.32 -16.17 -4.77
C PRO A 149 13.23 -17.04 -4.13
N ILE A 150 11.97 -16.72 -4.36
CA ILE A 150 10.89 -17.46 -3.72
C ILE A 150 10.86 -18.91 -4.18
N CYS A 151 11.25 -19.18 -5.43
CA CYS A 151 11.49 -20.54 -5.88
C CYS A 151 12.62 -20.53 -6.88
N PRO A 152 13.29 -21.68 -7.09
CA PRO A 152 14.42 -21.70 -8.03
C PRO A 152 14.09 -21.27 -9.46
N ALA A 153 12.92 -21.66 -9.97
CA ALA A 153 12.58 -21.35 -11.36
C ALA A 153 12.52 -19.85 -11.61
N LEU A 154 12.26 -19.06 -10.58
CA LEU A 154 12.17 -17.61 -10.73
C LEU A 154 13.51 -16.89 -10.62
N SER A 155 14.58 -17.60 -10.29
CA SER A 155 15.88 -16.95 -10.15
C SER A 155 16.26 -16.24 -11.44
N GLY A 156 16.60 -14.96 -11.34
CA GLY A 156 16.99 -14.17 -12.48
C GLY A 156 15.85 -13.74 -13.39
N LYS A 157 14.62 -14.09 -13.06
CA LYS A 157 13.47 -13.77 -13.91
C LYS A 157 12.80 -12.48 -13.45
N GLY A 158 11.73 -12.10 -14.15
CA GLY A 158 11.01 -10.89 -13.82
C GLY A 158 11.62 -9.62 -14.35
N ALA A 159 12.59 -9.69 -15.27
CA ALA A 159 13.24 -8.49 -15.78
C ALA A 159 12.17 -7.56 -16.37
N PRO A 160 12.29 -6.25 -16.16
CA PRO A 160 11.17 -5.34 -16.48
C PRO A 160 11.19 -4.73 -17.87
N GLU A 161 12.24 -4.95 -18.65
CA GLU A 161 12.38 -4.24 -19.91
C GLU A 161 11.30 -4.69 -20.90
N PRO A 162 10.73 -3.77 -21.67
CA PRO A 162 9.82 -4.17 -22.74
C PRO A 162 10.49 -5.15 -23.68
N GLY A 163 9.71 -6.10 -24.17
CA GLY A 163 10.22 -7.10 -25.07
C GLY A 163 10.82 -8.29 -24.39
N THR A 164 10.99 -8.24 -23.07
CA THR A 164 11.44 -9.42 -22.34
C THR A 164 10.41 -10.52 -22.53
N GLN A 165 10.90 -11.71 -22.83
CA GLN A 165 10.03 -12.85 -23.08
C GLN A 165 9.55 -13.43 -21.76
N ASP A 166 8.30 -13.90 -21.76
CA ASP A 166 7.77 -14.66 -20.64
C ASP A 166 8.72 -15.79 -20.27
N ALA A 167 8.95 -15.98 -18.96
CA ALA A 167 9.68 -17.15 -18.50
C ALA A 167 8.90 -18.42 -18.75
N SER A 168 7.57 -18.34 -18.74
CA SER A 168 6.70 -19.49 -19.02
C SER A 168 7.08 -20.71 -18.16
N ILE A 169 7.16 -20.47 -16.86
CA ILE A 169 7.50 -21.52 -15.90
C ILE A 169 6.30 -22.44 -15.76
N PRO A 170 6.46 -23.77 -15.86
CA PRO A 170 5.32 -24.65 -15.62
C PRO A 170 4.76 -24.42 -14.23
N VAL A 171 3.43 -24.50 -14.11
N VAL A 171 3.44 -24.55 -14.12
CA VAL A 171 2.80 -24.21 -12.83
CA VAL A 171 2.77 -24.22 -12.87
C VAL A 171 3.38 -25.05 -11.70
C VAL A 171 3.30 -25.04 -11.71
N GLU A 172 3.75 -26.29 -12.01
N GLU A 172 3.72 -26.27 -11.95
CA GLU A 172 4.31 -27.15 -10.98
CA GLU A 172 4.27 -27.09 -10.87
C GLU A 172 5.62 -26.61 -10.42
C GLU A 172 5.62 -26.58 -10.38
N LYS A 173 6.30 -25.71 -11.13
CA LYS A 173 7.58 -25.17 -10.71
C LYS A 173 7.47 -23.74 -10.20
N LEU A 174 6.28 -23.17 -10.19
CA LEU A 174 6.03 -21.91 -9.50
C LEU A 174 5.95 -22.18 -7.99
N PRO A 175 5.87 -21.16 -7.15
CA PRO A 175 5.83 -21.43 -5.70
C PRO A 175 4.66 -22.33 -5.32
N ARG A 176 4.98 -23.39 -4.57
CA ARG A 176 4.00 -24.39 -4.16
C ARG A 176 3.96 -24.51 -2.65
N CYS A 177 2.77 -24.83 -2.15
CA CYS A 177 2.58 -25.02 -0.72
C CYS A 177 3.43 -26.16 -0.20
N GLU A 178 4.06 -25.95 0.94
CA GLU A 178 4.88 -26.97 1.56
C GLU A 178 4.18 -27.67 2.72
N GLU A 179 2.92 -27.37 2.98
CA GLU A 179 2.18 -28.11 3.99
C GLU A 179 1.97 -29.55 3.51
N ALA A 180 2.06 -30.47 4.44
CA ALA A 180 2.02 -31.89 4.09
C ALA A 180 0.73 -32.23 3.35
N GLY A 181 0.88 -32.90 2.22
CA GLY A 181 -0.25 -33.39 1.46
C GLY A 181 -1.00 -32.34 0.67
N CYS A 182 -0.58 -31.08 0.68
CA CYS A 182 -1.32 -30.05 -0.07
C CYS A 182 -0.77 -29.88 -1.49
N GLY A 183 0.41 -29.29 -1.61
CA GLY A 183 1.04 -29.09 -2.90
C GLY A 183 0.41 -28.03 -3.76
N GLY A 184 -0.49 -27.21 -3.20
CA GLY A 184 -1.21 -26.23 -3.99
C GLY A 184 -0.32 -25.14 -4.55
N LEU A 185 -0.83 -24.47 -5.57
CA LEU A 185 -0.18 -23.30 -6.12
C LEU A 185 -0.32 -22.14 -5.15
N LEU A 186 0.79 -21.50 -4.81
CA LEU A 186 0.72 -20.29 -4.01
C LEU A 186 0.48 -19.07 -4.90
N ARG A 187 -0.13 -18.06 -4.30
CA ARG A 187 -0.25 -16.73 -4.86
C ARG A 187 0.26 -15.72 -3.85
N PRO A 188 0.63 -14.51 -4.29
CA PRO A 188 0.87 -13.44 -3.33
C PRO A 188 -0.38 -13.22 -2.50
N HIS A 189 -0.18 -12.99 -1.19
CA HIS A 189 -1.27 -12.63 -0.28
C HIS A 189 -1.45 -11.12 -0.38
N VAL A 190 -1.93 -10.71 -1.54
N VAL A 190 -1.96 -10.72 -1.55
CA VAL A 190 -2.20 -9.31 -1.85
CA VAL A 190 -2.19 -9.35 -1.95
C VAL A 190 -3.60 -9.25 -2.45
C VAL A 190 -3.62 -9.28 -2.44
N VAL A 191 -4.35 -8.23 -2.04
CA VAL A 191 -5.70 -8.03 -2.54
C VAL A 191 -5.60 -7.47 -3.95
N TRP A 192 -6.15 -8.22 -4.91
CA TRP A 192 -6.11 -7.82 -6.30
C TRP A 192 -7.34 -7.02 -6.70
N PHE A 193 -7.20 -6.29 -7.80
CA PHE A 193 -8.33 -5.56 -8.34
C PHE A 193 -9.42 -6.54 -8.71
N GLY A 194 -10.63 -6.26 -8.25
CA GLY A 194 -11.76 -7.15 -8.40
C GLY A 194 -12.04 -8.05 -7.22
N GLU A 195 -11.17 -8.09 -6.22
CA GLU A 195 -11.31 -8.93 -5.04
C GLU A 195 -11.78 -8.07 -3.87
N ASN A 196 -12.39 -8.74 -2.89
CA ASN A 196 -12.85 -8.08 -1.68
C ASN A 196 -11.69 -7.90 -0.70
N LEU A 197 -11.62 -6.71 -0.11
CA LEU A 197 -10.75 -6.53 1.03
C LEU A 197 -11.29 -7.34 2.21
N ASP A 198 -10.40 -7.64 3.15
CA ASP A 198 -10.75 -8.48 4.29
C ASP A 198 -11.80 -7.77 5.14
N PRO A 199 -12.93 -8.42 5.46
CA PRO A 199 -13.96 -7.74 6.26
C PRO A 199 -13.48 -7.30 7.62
N ALA A 200 -12.63 -8.09 8.27
CA ALA A 200 -12.15 -7.70 9.59
C ALA A 200 -11.33 -6.42 9.50
N ILE A 201 -10.51 -6.29 8.46
N ILE A 201 -10.51 -6.29 8.46
CA ILE A 201 -9.72 -5.07 8.25
CA ILE A 201 -9.73 -5.07 8.27
C ILE A 201 -10.65 -3.89 8.01
C ILE A 201 -10.64 -3.88 7.99
N LEU A 202 -11.66 -4.07 7.16
CA LEU A 202 -12.57 -2.96 6.87
C LEU A 202 -13.32 -2.52 8.11
N GLU A 203 -13.63 -3.45 9.01
CA GLU A 203 -14.30 -3.05 10.24
C GLU A 203 -13.38 -2.22 11.10
N GLU A 204 -12.09 -2.58 11.14
CA GLU A 204 -11.12 -1.78 11.90
C GLU A 204 -10.96 -0.40 11.28
N VAL A 205 -10.90 -0.33 9.94
CA VAL A 205 -10.84 0.96 9.26
C VAL A 205 -12.04 1.82 9.63
N ASP A 206 -13.23 1.23 9.57
CA ASP A 206 -14.45 1.96 9.87
C ASP A 206 -14.41 2.56 11.26
N ARG A 207 -13.95 1.77 12.25
CA ARG A 207 -13.85 2.29 13.61
C ARG A 207 -12.86 3.43 13.72
N GLU A 208 -11.70 3.32 13.06
CA GLU A 208 -10.72 4.39 13.14
C GLU A 208 -11.24 5.66 12.47
N LEU A 209 -11.87 5.55 11.31
CA LEU A 209 -12.39 6.72 10.64
C LEU A 209 -13.50 7.38 11.45
N ALA A 210 -14.38 6.58 12.05
CA ALA A 210 -15.52 7.12 12.78
C ALA A 210 -15.09 7.96 13.99
N HIS A 211 -13.91 7.69 14.55
CA HIS A 211 -13.46 8.34 15.78
C HIS A 211 -12.35 9.35 15.54
N CYS A 212 -11.98 9.56 14.28
N CYS A 212 -11.86 9.51 14.33
CA CYS A 212 -10.84 10.39 13.90
CA CYS A 212 -10.69 10.34 14.19
C CYS A 212 -11.16 11.87 14.14
C CYS A 212 -11.09 11.81 14.16
N ASP A 213 -10.17 12.64 14.61
CA ASP A 213 -10.32 14.09 14.67
C ASP A 213 -9.36 14.84 13.75
N LEU A 214 -8.53 14.11 13.00
CA LEU A 214 -7.66 14.69 11.98
C LEU A 214 -7.23 13.54 11.09
N CYS A 215 -7.35 13.71 9.79
CA CYS A 215 -6.94 12.69 8.85
C CYS A 215 -5.91 13.25 7.88
N LEU A 216 -4.83 12.51 7.67
CA LEU A 216 -3.79 12.89 6.71
C LEU A 216 -3.81 11.85 5.60
N VAL A 217 -3.82 12.32 4.35
N VAL A 217 -3.88 12.30 4.35
CA VAL A 217 -3.88 11.46 3.18
CA VAL A 217 -3.87 11.38 3.21
C VAL A 217 -2.60 11.69 2.40
C VAL A 217 -2.61 11.67 2.41
N VAL A 218 -1.72 10.70 2.38
N VAL A 218 -1.67 10.73 2.42
CA VAL A 218 -0.31 10.89 2.05
CA VAL A 218 -0.30 10.99 2.02
C VAL A 218 0.07 10.04 0.83
C VAL A 218 0.08 10.08 0.85
N GLY A 219 0.55 10.69 -0.23
CA GLY A 219 1.07 9.95 -1.35
C GLY A 219 0.10 8.98 -1.98
N THR A 220 -1.18 9.30 -2.02
N THR A 220 -1.19 9.32 -1.99
CA THR A 220 -2.10 8.44 -2.75
CA THR A 220 -2.21 8.51 -2.64
C THR A 220 -2.80 9.24 -3.84
C THR A 220 -2.75 9.29 -3.83
N SER A 221 -3.01 8.57 -4.97
N SER A 221 -3.01 8.56 -4.92
CA SER A 221 -3.63 9.20 -6.11
CA SER A 221 -3.64 9.18 -6.08
C SER A 221 -5.15 9.31 -5.95
C SER A 221 -5.14 9.29 -5.95
N SER A 222 -5.73 8.65 -4.94
CA SER A 222 -7.15 8.71 -4.67
C SER A 222 -7.97 8.30 -5.88
N VAL A 223 -7.52 7.25 -6.57
CA VAL A 223 -8.28 6.67 -7.67
C VAL A 223 -8.67 5.23 -7.41
N VAL A 224 -8.04 4.53 -6.46
CA VAL A 224 -8.36 3.13 -6.16
C VAL A 224 -9.31 3.09 -4.98
N TYR A 225 -10.43 2.40 -5.16
CA TYR A 225 -11.45 2.22 -4.16
C TYR A 225 -11.31 0.82 -3.57
N PRO A 226 -11.75 0.63 -2.33
CA PRO A 226 -12.45 1.60 -1.48
C PRO A 226 -11.59 2.68 -0.83
N ALA A 227 -10.28 2.51 -0.77
CA ALA A 227 -9.47 3.41 0.04
C ALA A 227 -9.66 4.86 -0.35
N ALA A 228 -9.88 5.16 -1.63
CA ALA A 228 -10.04 6.54 -2.07
C ALA A 228 -11.24 7.22 -1.44
N MET A 229 -12.21 6.47 -0.89
CA MET A 229 -13.36 7.08 -0.25
C MET A 229 -13.16 7.35 1.23
N PHE A 230 -12.08 6.84 1.82
CA PHE A 230 -11.93 6.91 3.28
C PHE A 230 -11.82 8.36 3.75
N ALA A 231 -10.87 9.09 3.21
CA ALA A 231 -10.69 10.48 3.65
C ALA A 231 -11.87 11.37 3.27
N PRO A 232 -12.43 11.26 2.06
CA PRO A 232 -13.64 12.02 1.77
C PRO A 232 -14.78 11.75 2.73
N GLN A 233 -14.91 10.53 3.24
CA GLN A 233 -16.01 10.23 4.15
C GLN A 233 -15.86 11.03 5.45
N VAL A 234 -14.64 11.09 5.97
CA VAL A 234 -14.33 11.89 7.15
C VAL A 234 -14.56 13.38 6.88
N ALA A 235 -14.06 13.85 5.74
CA ALA A 235 -14.19 15.27 5.41
C ALA A 235 -15.65 15.67 5.30
N ALA A 236 -16.49 14.80 4.78
CA ALA A 236 -17.89 15.13 4.56
C ALA A 236 -18.64 15.32 5.86
N ARG A 237 -18.14 14.76 6.96
CA ARG A 237 -18.66 14.97 8.31
C ARG A 237 -18.05 16.20 8.98
N GLY A 238 -17.19 16.92 8.28
CA GLY A 238 -16.56 18.11 8.82
C GLY A 238 -15.18 17.91 9.41
N VAL A 239 -14.67 16.69 9.39
CA VAL A 239 -13.39 16.41 10.04
C VAL A 239 -12.26 16.96 9.17
N PRO A 240 -11.28 17.65 9.76
CA PRO A 240 -10.17 18.18 8.93
C PRO A 240 -9.34 17.08 8.31
N VAL A 241 -9.10 17.22 6.99
CA VAL A 241 -8.24 16.32 6.22
C VAL A 241 -7.15 17.15 5.56
N ALA A 242 -5.91 16.69 5.67
CA ALA A 242 -4.78 17.30 4.97
C ALA A 242 -4.21 16.28 4.00
N GLU A 243 -4.17 16.66 2.73
CA GLU A 243 -3.59 15.85 1.66
C GLU A 243 -2.16 16.30 1.42
N PHE A 244 -1.23 15.35 1.49
CA PHE A 244 0.18 15.58 1.23
C PHE A 244 0.50 14.81 -0.05
N ASN A 245 0.77 15.51 -1.15
CA ASN A 245 0.97 14.82 -2.41
C ASN A 245 1.70 15.74 -3.35
N THR A 246 2.48 15.15 -4.26
CA THR A 246 3.19 15.94 -5.26
C THR A 246 2.25 16.54 -6.31
N GLU A 247 1.03 16.01 -6.43
CA GLU A 247 0.04 16.47 -7.39
C GLU A 247 -1.32 16.62 -6.71
N THR A 248 -2.22 17.34 -7.37
CA THR A 248 -3.61 17.27 -6.97
C THR A 248 -4.26 15.99 -7.53
N THR A 249 -5.37 15.62 -6.92
CA THR A 249 -6.08 14.37 -7.21
C THR A 249 -7.55 14.67 -7.36
N PRO A 250 -8.34 13.68 -7.77
CA PRO A 250 -9.79 13.92 -7.85
C PRO A 250 -10.44 14.24 -6.53
N ALA A 251 -9.79 13.94 -5.41
CA ALA A 251 -10.35 14.17 -4.08
C ALA A 251 -9.88 15.47 -3.44
N THR A 252 -8.89 16.15 -4.03
CA THR A 252 -8.23 17.28 -3.39
C THR A 252 -9.22 18.33 -2.87
N ASN A 253 -10.21 18.67 -3.69
CA ASN A 253 -11.08 19.77 -3.32
C ASN A 253 -12.09 19.42 -2.25
N ARG A 254 -12.13 18.17 -1.81
CA ARG A 254 -12.94 17.79 -0.67
C ARG A 254 -12.26 18.09 0.66
N PHE A 255 -10.98 18.39 0.65
CA PHE A 255 -10.17 18.41 1.87
C PHE A 255 -9.87 19.82 2.32
N ARG A 256 -9.47 19.94 3.59
CA ARG A 256 -9.21 21.25 4.17
C ARG A 256 -7.83 21.79 3.79
N PHE A 257 -6.83 20.93 3.69
CA PHE A 257 -5.46 21.32 3.36
C PHE A 257 -4.91 20.48 2.22
N HIS A 258 -4.04 21.10 1.43
CA HIS A 258 -3.24 20.41 0.43
C HIS A 258 -1.82 20.94 0.50
N PHE A 259 -0.88 20.03 0.70
CA PHE A 259 0.54 20.36 0.82
C PHE A 259 1.31 19.64 -0.27
N GLN A 260 1.98 20.41 -1.11
CA GLN A 260 2.70 19.87 -2.24
C GLN A 260 4.16 19.59 -1.87
N GLY A 261 4.82 18.84 -2.74
CA GLY A 261 6.20 18.47 -2.51
C GLY A 261 6.29 17.04 -2.06
N PRO A 262 7.51 16.50 -2.00
CA PRO A 262 7.70 15.15 -1.49
C PRO A 262 7.21 15.03 -0.05
N CYS A 263 6.50 13.95 0.24
N CYS A 263 6.50 13.95 0.26
CA CYS A 263 6.06 13.70 1.60
CA CYS A 263 6.06 13.80 1.66
C CYS A 263 7.23 13.63 2.57
C CYS A 263 7.24 13.62 2.60
N GLY A 264 8.39 13.16 2.10
CA GLY A 264 9.58 13.12 2.94
C GLY A 264 10.10 14.49 3.32
N THR A 265 9.71 15.53 2.57
CA THR A 265 10.06 16.90 2.90
C THR A 265 9.00 17.55 3.78
N THR A 266 7.72 17.35 3.47
CA THR A 266 6.66 18.05 4.18
C THR A 266 6.26 17.37 5.50
N LEU A 267 6.25 16.04 5.56
CA LEU A 267 5.74 15.44 6.78
C LEU A 267 6.63 15.68 8.00
N PRO A 268 7.96 15.66 7.89
CA PRO A 268 8.74 15.93 9.10
C PRO A 268 8.38 17.25 9.73
N GLU A 269 8.08 18.28 8.91
CA GLU A 269 7.65 19.57 9.43
C GLU A 269 6.25 19.51 10.00
N ALA A 270 5.33 18.89 9.26
CA ALA A 270 3.93 18.86 9.69
C ALA A 270 3.75 18.08 10.99
N LEU A 271 4.53 17.03 11.20
CA LEU A 271 4.32 16.12 12.32
C LEU A 271 5.29 16.35 13.46
N ALA A 272 6.06 17.44 13.42
CA ALA A 272 7.05 17.70 14.45
C ALA A 272 6.43 17.91 15.83
N SER B 2 -18.15 -0.16 -1.13
CA SER B 2 -17.86 -1.53 -1.51
C SER B 2 -16.56 -2.01 -0.91
N ALA B 3 -16.53 -3.45 -0.64
CA ALA B 3 -15.37 -4.04 -0.12
C ALA B 3 -14.58 -4.48 -1.37
N ILE B 4 -15.11 -4.26 -2.74
CA ILE B 4 -14.37 -4.71 -3.92
C ILE B 4 -13.40 -3.63 -4.39
N LYS B 5 -12.03 -4.12 -4.49
CA LYS B 5 -10.97 -3.20 -4.95
C LYS B 5 -11.24 -2.92 -6.40
N SER B 6 -11.19 -1.53 -6.73
CA SER B 6 -11.50 -1.11 -8.07
C SER B 6 -10.66 0.10 -8.39
N GLY B 8 -10.81 3.13 -10.02
CA GLY B 8 -11.92 3.97 -10.50
C GLY B 8 -11.93 4.60 -11.90
#